data_5SWF
#
_entry.id   5SWF
#
_cell.length_a   53.307
_cell.length_b   107.422
_cell.length_c   117.719
_cell.angle_alpha   90.00
_cell.angle_beta   90.00
_cell.angle_gamma   90.00
#
_symmetry.space_group_name_H-M   'P 21 21 21'
#
loop_
_entity.id
_entity.type
_entity.pdbx_description
1 polymer 'Serine/threonine-protein phosphatase 2A 56 kDa regulatory subunit gamma isoform'
2 polymer 'Double phosphorylated BubR1'
3 water water
#
loop_
_entity_poly.entity_id
_entity_poly.type
_entity_poly.pdbx_seq_one_letter_code
_entity_poly.pdbx_strand_id
1 'polypeptide(L)'
;GHMGSRDVPPADQEKLFIQKLRQCCVLFDFVSDPLSDLKWKEVKRAALSEMVEYITHNRNVITEPIYPEVVHMFAVNMFR
TLPPSSNPTGAEFDPEEDEPTLEAAWPHLQLVYEFFLRFLESPDFQPNIAKKYIDQKFVLQLLELFDSEDPRERDFLKTT
LHRIYGKFLGLRAYIRKQINNIFYRFIYETEHHNGIAELLEILGSIINGFALPLKEEHKIFLLKVLLPLHKVKSLSVYHP
QLAYCVVQFLEKDSTLTEPVVMALLKYWPKTHSPKEVMFLNELEEILDVIEPSEFVKIMEPLFRQLAKCVSSPHFQVAER
ALYYWNNEYIMSLISDNAAKILPIMFPSLYRNSKT
;
A
2 'polypeptide(L)' KL(SEP)PIIED(SEP) B
#
# COMPACT_ATOMS: atom_id res chain seq x y z
N ALA A 11 -27.39 -8.28 -28.26
CA ALA A 11 -27.25 -7.09 -29.10
C ALA A 11 -26.08 -7.23 -30.08
N ASP A 12 -25.96 -8.43 -30.65
CA ASP A 12 -24.96 -8.72 -31.68
C ASP A 12 -23.51 -8.51 -31.21
N GLN A 13 -23.16 -7.27 -30.89
CA GLN A 13 -21.80 -6.95 -30.45
C GLN A 13 -21.64 -7.25 -28.95
N GLU A 14 -22.73 -7.13 -28.21
CA GLU A 14 -22.75 -7.48 -26.79
C GLU A 14 -22.61 -8.99 -26.67
N LYS A 15 -23.24 -9.69 -27.60
CA LYS A 15 -23.22 -11.15 -27.63
C LYS A 15 -21.81 -11.66 -27.92
N LEU A 16 -21.12 -11.00 -28.84
CA LEU A 16 -19.75 -11.38 -29.19
C LEU A 16 -18.79 -11.05 -28.05
N PHE A 17 -19.02 -9.93 -27.40
CA PHE A 17 -18.23 -9.52 -26.24
C PHE A 17 -18.32 -10.58 -25.15
N ILE A 18 -19.54 -10.97 -24.83
CA ILE A 18 -19.79 -12.01 -23.83
C ILE A 18 -19.21 -13.36 -24.28
N GLN A 19 -19.31 -13.63 -25.58
CA GLN A 19 -18.75 -14.86 -26.14
C GLN A 19 -17.25 -14.94 -25.94
N LYS A 20 -16.56 -13.85 -26.23
CA LYS A 20 -15.11 -13.79 -26.09
C LYS A 20 -14.69 -13.85 -24.63
N LEU A 21 -15.46 -13.20 -23.76
CA LEU A 21 -15.20 -13.24 -22.33
C LEU A 21 -15.27 -14.67 -21.80
N ARG A 22 -16.33 -15.38 -22.18
CA ARG A 22 -16.50 -16.78 -21.79
C ARG A 22 -15.47 -17.67 -22.46
N GLN A 23 -15.01 -17.28 -23.63
CA GLN A 23 -13.98 -18.01 -24.35
C GLN A 23 -12.68 -17.96 -23.57
N CYS A 24 -12.50 -16.86 -22.83
CA CYS A 24 -11.31 -16.67 -22.01
C CYS A 24 -11.47 -17.31 -20.64
N CYS A 25 -12.49 -18.16 -20.50
CA CYS A 25 -12.72 -18.88 -19.25
C CYS A 25 -12.35 -20.36 -19.41
N VAL A 26 -11.95 -20.72 -20.62
CA VAL A 26 -11.52 -22.09 -20.91
C VAL A 26 -10.02 -22.23 -20.70
N LEU A 27 -9.63 -22.88 -19.61
CA LEU A 27 -8.22 -23.06 -19.29
C LEU A 27 -7.69 -24.38 -19.86
N PHE A 28 -6.95 -24.27 -20.97
CA PHE A 28 -6.50 -25.44 -21.71
C PHE A 28 -5.03 -25.77 -21.49
N ASP A 29 -4.64 -26.96 -21.94
CA ASP A 29 -3.24 -27.38 -21.94
C ASP A 29 -3.04 -28.60 -22.82
N PHE A 30 -2.15 -28.48 -23.80
CA PHE A 30 -1.84 -29.58 -24.70
C PHE A 30 -0.43 -30.10 -24.41
N VAL A 31 -0.32 -31.06 -23.50
CA VAL A 31 0.97 -31.62 -23.11
C VAL A 31 1.52 -32.55 -24.18
N SER A 32 0.71 -32.81 -25.20
CA SER A 32 1.10 -33.69 -26.30
C SER A 32 0.92 -33.02 -27.66
N ASP A 33 0.91 -31.68 -27.66
CA ASP A 33 0.75 -30.93 -28.90
C ASP A 33 1.16 -29.47 -28.68
N PRO A 34 2.47 -29.19 -28.76
CA PRO A 34 3.00 -27.84 -28.57
C PRO A 34 2.46 -26.83 -29.60
N LEU A 35 2.17 -27.30 -30.81
CA LEU A 35 1.63 -26.42 -31.86
C LEU A 35 0.22 -25.94 -31.53
N SER A 36 -0.63 -26.87 -31.10
CA SER A 36 -2.01 -26.53 -30.74
C SER A 36 -2.06 -25.70 -29.46
N ASP A 37 -1.07 -25.90 -28.60
CA ASP A 37 -1.03 -25.19 -27.33
C ASP A 37 -0.71 -23.71 -27.55
N LEU A 38 0.24 -23.44 -28.45
CA LEU A 38 0.62 -22.08 -28.79
C LEU A 38 -0.50 -21.39 -29.56
N LYS A 39 -1.22 -22.17 -30.36
CA LYS A 39 -2.35 -21.65 -31.12
C LYS A 39 -3.45 -21.17 -30.18
N TRP A 40 -3.79 -22.01 -29.21
CA TRP A 40 -4.83 -21.69 -28.24
C TRP A 40 -4.43 -20.49 -27.37
N LYS A 41 -3.16 -20.45 -26.97
CA LYS A 41 -2.65 -19.36 -26.15
C LYS A 41 -2.77 -18.03 -26.87
N GLU A 42 -2.40 -18.01 -28.15
CA GLU A 42 -2.44 -16.79 -28.95
C GLU A 42 -3.88 -16.32 -29.18
N VAL A 43 -4.77 -17.27 -29.43
CA VAL A 43 -6.19 -16.97 -29.59
C VAL A 43 -6.72 -16.27 -28.34
N LYS A 44 -6.33 -16.78 -27.18
CA LYS A 44 -6.74 -16.20 -25.92
C LYS A 44 -6.08 -14.84 -25.69
N ARG A 45 -4.81 -14.74 -26.07
CA ARG A 45 -4.06 -13.49 -25.96
C ARG A 45 -4.68 -12.43 -26.84
N ALA A 46 -5.04 -12.81 -28.06
CA ALA A 46 -5.65 -11.89 -29.01
C ALA A 46 -7.05 -11.49 -28.56
N ALA A 47 -7.79 -12.45 -28.02
CA ALA A 47 -9.14 -12.19 -27.54
C ALA A 47 -9.14 -11.16 -26.43
N LEU A 48 -8.19 -11.30 -25.51
CA LEU A 48 -8.04 -10.35 -24.41
C LEU A 48 -7.63 -8.98 -24.94
N SER A 49 -6.63 -8.97 -25.81
CA SER A 49 -6.12 -7.72 -26.39
C SER A 49 -7.22 -6.94 -27.10
N GLU A 50 -8.05 -7.64 -27.87
CA GLU A 50 -9.18 -7.03 -28.56
C GLU A 50 -10.13 -6.35 -27.56
N MET A 51 -10.52 -7.09 -26.52
CA MET A 51 -11.45 -6.59 -25.52
C MET A 51 -10.85 -5.46 -24.69
N VAL A 52 -9.55 -5.52 -24.44
CA VAL A 52 -8.85 -4.43 -23.75
C VAL A 52 -8.99 -3.15 -24.56
N GLU A 53 -8.66 -3.23 -25.84
CA GLU A 53 -8.79 -2.09 -26.75
C GLU A 53 -10.24 -1.68 -26.89
N TYR A 54 -11.12 -2.67 -26.98
CA TYR A 54 -12.55 -2.43 -27.18
C TYR A 54 -13.17 -1.68 -26.01
N ILE A 55 -12.88 -2.13 -24.80
CA ILE A 55 -13.49 -1.53 -23.61
C ILE A 55 -12.84 -0.19 -23.26
N THR A 56 -11.64 0.04 -23.78
CA THR A 56 -10.90 1.25 -23.45
C THR A 56 -11.32 2.45 -24.29
N HIS A 57 -11.44 2.25 -25.59
CA HIS A 57 -11.63 3.35 -26.52
C HIS A 57 -13.07 3.51 -27.02
N ASN A 58 -13.89 2.47 -26.84
CA ASN A 58 -15.29 2.56 -27.24
C ASN A 58 -16.19 3.04 -26.12
N ARG A 59 -17.25 3.75 -26.48
CA ARG A 59 -18.18 4.31 -25.51
C ARG A 59 -19.44 3.48 -25.39
N ASN A 60 -19.98 3.41 -24.17
CA ASN A 60 -21.26 2.75 -23.91
C ASN A 60 -21.29 1.30 -24.35
N VAL A 61 -20.20 0.59 -24.12
CA VAL A 61 -20.12 -0.82 -24.47
C VAL A 61 -20.27 -1.72 -23.25
N ILE A 62 -20.05 -1.15 -22.07
CA ILE A 62 -20.24 -1.88 -20.83
C ILE A 62 -21.71 -1.83 -20.43
N THR A 63 -22.47 -2.82 -20.88
CA THR A 63 -23.89 -2.94 -20.53
C THR A 63 -24.03 -3.79 -19.27
N GLU A 64 -25.25 -3.85 -18.74
CA GLU A 64 -25.52 -4.61 -17.53
C GLU A 64 -25.17 -6.11 -17.62
N PRO A 65 -25.51 -6.78 -18.74
CA PRO A 65 -25.15 -8.19 -18.81
C PRO A 65 -23.64 -8.46 -18.89
N ILE A 66 -22.84 -7.45 -19.19
CA ILE A 66 -21.39 -7.62 -19.32
C ILE A 66 -20.73 -7.87 -17.97
N TYR A 67 -21.22 -7.20 -16.94
CA TYR A 67 -20.62 -7.24 -15.60
C TYR A 67 -20.38 -8.65 -15.04
N PRO A 68 -21.40 -9.53 -15.04
CA PRO A 68 -21.12 -10.84 -14.46
C PRO A 68 -20.13 -11.66 -15.29
N GLU A 69 -20.09 -11.37 -16.59
CA GLU A 69 -19.19 -12.08 -17.49
C GLU A 69 -17.73 -11.68 -17.25
N VAL A 70 -17.50 -10.39 -17.05
CA VAL A 70 -16.16 -9.87 -16.77
C VAL A 70 -15.63 -10.38 -15.44
N VAL A 71 -16.46 -10.24 -14.39
CA VAL A 71 -16.09 -10.67 -13.05
C VAL A 71 -15.80 -12.16 -13.00
N HIS A 72 -16.62 -12.95 -13.68
CA HIS A 72 -16.43 -14.39 -13.74
C HIS A 72 -15.14 -14.74 -14.48
N MET A 73 -14.90 -14.05 -15.59
CA MET A 73 -13.70 -14.28 -16.39
C MET A 73 -12.44 -13.99 -15.58
N PHE A 74 -12.48 -12.90 -14.81
CA PHE A 74 -11.38 -12.54 -13.93
C PHE A 74 -11.16 -13.60 -12.86
N ALA A 75 -12.26 -13.99 -12.22
CA ALA A 75 -12.21 -14.96 -11.13
C ALA A 75 -11.66 -16.31 -11.58
N VAL A 76 -12.16 -16.78 -12.72
CA VAL A 76 -11.73 -18.07 -13.26
C VAL A 76 -10.25 -18.06 -13.61
N ASN A 77 -9.75 -16.92 -14.09
CA ASN A 77 -8.36 -16.82 -14.50
C ASN A 77 -7.40 -16.49 -13.36
N MET A 78 -7.79 -15.56 -12.50
CA MET A 78 -6.85 -15.04 -11.49
C MET A 78 -6.92 -15.77 -10.16
N PHE A 79 -8.13 -16.04 -9.67
CA PHE A 79 -8.30 -16.71 -8.38
C PHE A 79 -7.81 -18.15 -8.45
N ARG A 80 -6.49 -18.31 -8.52
CA ARG A 80 -5.85 -19.60 -8.65
C ARG A 80 -5.10 -19.92 -7.37
N THR A 81 -4.36 -21.02 -7.37
CA THR A 81 -3.45 -21.30 -6.28
C THR A 81 -2.05 -20.85 -6.69
N LEU A 82 -1.30 -20.34 -5.72
CA LEU A 82 0.04 -19.83 -5.97
C LEU A 82 1.04 -20.99 -6.08
N PRO A 83 2.35 -20.67 -6.13
CA PRO A 83 3.23 -21.84 -5.97
C PRO A 83 3.11 -22.48 -4.59
N GLU A 103 4.03 -15.68 -12.58
CA GLU A 103 4.12 -17.06 -13.09
C GLU A 103 4.89 -17.11 -14.40
N ALA A 104 4.82 -18.25 -15.08
CA ALA A 104 5.45 -18.40 -16.38
C ALA A 104 4.51 -17.92 -17.49
N ALA A 105 3.22 -18.23 -17.32
CA ALA A 105 2.21 -17.74 -18.26
C ALA A 105 1.69 -16.37 -17.81
N TRP A 106 2.61 -15.46 -17.53
CA TRP A 106 2.30 -14.11 -17.09
C TRP A 106 1.68 -13.19 -18.15
N PRO A 107 2.14 -13.26 -19.42
CA PRO A 107 1.52 -12.40 -20.45
C PRO A 107 0.01 -12.57 -20.54
N HIS A 108 -0.50 -13.73 -20.15
CA HIS A 108 -1.95 -13.95 -20.13
CA HIS A 108 -1.95 -13.95 -20.13
C HIS A 108 -2.57 -13.25 -18.93
N LEU A 109 -2.01 -13.48 -17.75
CA LEU A 109 -2.52 -12.89 -16.51
C LEU A 109 -2.47 -11.37 -16.55
N GLN A 110 -1.41 -10.82 -17.15
CA GLN A 110 -1.24 -9.37 -17.26
C GLN A 110 -2.37 -8.76 -18.08
N LEU A 111 -2.78 -9.44 -19.13
CA LEU A 111 -3.88 -8.97 -19.97
C LEU A 111 -5.20 -8.96 -19.21
N VAL A 112 -5.43 -9.99 -18.41
CA VAL A 112 -6.64 -10.07 -17.59
C VAL A 112 -6.68 -8.92 -16.58
N TYR A 113 -5.54 -8.67 -15.93
CA TYR A 113 -5.41 -7.56 -15.00
C TYR A 113 -5.67 -6.23 -15.70
N GLU A 114 -5.05 -6.04 -16.85
CA GLU A 114 -5.20 -4.81 -17.61
C GLU A 114 -6.64 -4.60 -18.08
N PHE A 115 -7.29 -5.69 -18.50
CA PHE A 115 -8.67 -5.61 -18.94
C PHE A 115 -9.60 -5.25 -17.78
N PHE A 116 -9.44 -5.94 -16.66
CA PHE A 116 -10.31 -5.72 -15.51
C PHE A 116 -10.11 -4.33 -14.93
N LEU A 117 -8.89 -3.81 -15.04
CA LEU A 117 -8.60 -2.45 -14.60
C LEU A 117 -9.27 -1.43 -15.50
N ARG A 118 -9.15 -1.63 -16.81
CA ARG A 118 -9.82 -0.78 -17.79
C ARG A 118 -11.33 -0.86 -17.59
N PHE A 119 -11.79 -2.02 -17.16
CA PHE A 119 -13.20 -2.23 -16.85
C PHE A 119 -13.63 -1.38 -15.66
N LEU A 120 -12.87 -1.44 -14.59
CA LEU A 120 -13.16 -0.67 -13.38
C LEU A 120 -13.03 0.83 -13.58
N GLU A 121 -12.12 1.22 -14.46
CA GLU A 121 -11.77 2.64 -14.64
C GLU A 121 -12.60 3.33 -15.71
N SER A 122 -13.45 2.58 -16.40
CA SER A 122 -14.27 3.12 -17.48
C SER A 122 -15.27 4.15 -16.95
N PRO A 123 -15.53 5.21 -17.74
CA PRO A 123 -16.54 6.22 -17.41
C PRO A 123 -17.95 5.63 -17.41
N ASP A 124 -18.12 4.50 -18.10
CA ASP A 124 -19.41 3.84 -18.20
C ASP A 124 -19.61 2.82 -17.08
N PHE A 125 -18.61 2.69 -16.21
CA PHE A 125 -18.66 1.72 -15.13
C PHE A 125 -19.64 2.14 -14.04
N GLN A 126 -20.57 1.26 -13.69
CA GLN A 126 -21.56 1.55 -12.68
C GLN A 126 -21.45 0.59 -11.50
N PRO A 127 -20.88 1.08 -10.38
CA PRO A 127 -20.68 0.30 -9.15
C PRO A 127 -21.98 -0.29 -8.61
N ASN A 128 -23.08 0.43 -8.77
CA ASN A 128 -24.38 -0.04 -8.32
C ASN A 128 -24.78 -1.37 -8.99
N ILE A 129 -24.38 -1.52 -10.24
CA ILE A 129 -24.62 -2.77 -10.96
C ILE A 129 -23.56 -3.80 -10.61
N ALA A 130 -22.32 -3.34 -10.51
CA ALA A 130 -21.17 -4.22 -10.30
C ALA A 130 -21.06 -4.73 -8.87
N LYS A 131 -21.72 -4.06 -7.94
CA LYS A 131 -21.61 -4.41 -6.52
C LYS A 131 -22.18 -5.80 -6.24
N LYS A 132 -23.05 -6.28 -7.13
CA LYS A 132 -23.64 -7.59 -6.97
C LYS A 132 -22.62 -8.71 -7.18
N TYR A 133 -21.70 -8.49 -8.12
CA TYR A 133 -20.73 -9.52 -8.50
C TYR A 133 -19.38 -9.29 -7.85
N ILE A 134 -19.00 -8.04 -7.67
CA ILE A 134 -17.81 -7.71 -6.90
C ILE A 134 -18.17 -7.59 -5.43
N ASP A 135 -18.09 -8.71 -4.72
CA ASP A 135 -18.49 -8.76 -3.31
C ASP A 135 -17.32 -9.08 -2.39
N GLN A 136 -17.65 -9.46 -1.15
CA GLN A 136 -16.66 -9.74 -0.13
C GLN A 136 -15.83 -10.98 -0.46
N LYS A 137 -16.48 -12.01 -1.01
CA LYS A 137 -15.77 -13.23 -1.40
C LYS A 137 -14.77 -12.93 -2.52
N PHE A 138 -15.15 -12.02 -3.41
CA PHE A 138 -14.28 -11.59 -4.50
C PHE A 138 -13.09 -10.82 -3.94
N VAL A 139 -13.36 -9.85 -3.07
CA VAL A 139 -12.31 -9.03 -2.46
C VAL A 139 -11.35 -9.89 -1.64
N LEU A 140 -11.91 -10.80 -0.85
CA LEU A 140 -11.11 -11.71 -0.04
C LEU A 140 -10.18 -12.55 -0.90
N GLN A 141 -10.71 -13.09 -1.99
CA GLN A 141 -9.91 -13.88 -2.91
C GLN A 141 -8.87 -13.01 -3.62
N LEU A 142 -9.23 -11.76 -3.88
CA LEU A 142 -8.32 -10.80 -4.49
C LEU A 142 -7.15 -10.51 -3.56
N LEU A 143 -7.45 -10.42 -2.27
CA LEU A 143 -6.44 -10.15 -1.25
C LEU A 143 -5.46 -11.30 -1.08
N GLU A 144 -5.95 -12.52 -1.26
CA GLU A 144 -5.12 -13.71 -1.12
C GLU A 144 -4.03 -13.74 -2.17
N LEU A 145 -4.25 -13.04 -3.28
CA LEU A 145 -3.28 -12.97 -4.36
C LEU A 145 -2.15 -12.00 -4.07
N PHE A 146 -2.35 -11.12 -3.10
CA PHE A 146 -1.33 -10.16 -2.69
C PHE A 146 -0.08 -10.87 -2.14
N ASP A 147 -0.22 -12.14 -1.80
CA ASP A 147 0.88 -12.93 -1.27
C ASP A 147 1.73 -13.49 -2.41
N SER A 148 1.42 -13.07 -3.64
CA SER A 148 2.20 -13.50 -4.80
C SER A 148 3.63 -13.00 -4.72
N GLU A 149 4.56 -13.78 -5.28
CA GLU A 149 5.97 -13.45 -5.25
C GLU A 149 6.35 -12.58 -6.44
N ASP A 150 5.42 -12.45 -7.39
CA ASP A 150 5.65 -11.64 -8.58
C ASP A 150 5.29 -10.18 -8.27
N PRO A 151 6.31 -9.29 -8.29
CA PRO A 151 6.13 -7.87 -8.03
C PRO A 151 5.18 -7.21 -9.03
N ARG A 152 5.21 -7.71 -10.26
CA ARG A 152 4.33 -7.21 -11.31
C ARG A 152 2.87 -7.49 -10.98
N GLU A 153 2.61 -8.69 -10.47
CA GLU A 153 1.24 -9.07 -10.12
C GLU A 153 0.74 -8.29 -8.91
N ARG A 154 1.59 -8.15 -7.89
CA ARG A 154 1.24 -7.39 -6.71
C ARG A 154 0.94 -5.94 -7.07
N ASP A 155 1.64 -5.42 -8.08
CA ASP A 155 1.43 -4.06 -8.54
C ASP A 155 0.05 -3.90 -9.16
N PHE A 156 -0.36 -4.88 -9.96
CA PHE A 156 -1.68 -4.87 -10.57
C PHE A 156 -2.77 -5.02 -9.51
N LEU A 157 -2.53 -5.89 -8.54
CA LEU A 157 -3.47 -6.10 -7.44
C LEU A 157 -3.61 -4.84 -6.60
N LYS A 158 -2.50 -4.13 -6.42
CA LYS A 158 -2.49 -2.87 -5.68
C LYS A 158 -3.40 -1.85 -6.35
N THR A 159 -3.23 -1.68 -7.66
CA THR A 159 -4.04 -0.75 -8.43
C THR A 159 -5.50 -1.18 -8.45
N THR A 160 -5.72 -2.47 -8.63
CA THR A 160 -7.07 -3.04 -8.70
C THR A 160 -7.85 -2.83 -7.41
N LEU A 161 -7.26 -3.23 -6.29
CA LEU A 161 -7.92 -3.10 -4.99
C LEU A 161 -8.13 -1.65 -4.62
N HIS A 162 -7.17 -0.80 -4.98
CA HIS A 162 -7.31 0.64 -4.75
C HIS A 162 -8.51 1.19 -5.50
N ARG A 163 -8.73 0.68 -6.70
CA ARG A 163 -9.87 1.10 -7.51
C ARG A 163 -11.17 0.58 -6.91
N ILE A 164 -11.19 -0.71 -6.58
CA ILE A 164 -12.35 -1.35 -5.98
C ILE A 164 -12.77 -0.67 -4.68
N TYR A 165 -11.78 -0.36 -3.84
CA TYR A 165 -12.03 0.33 -2.57
C TYR A 165 -12.71 1.67 -2.79
N GLY A 166 -12.18 2.44 -3.73
CA GLY A 166 -12.68 3.78 -3.99
C GLY A 166 -14.04 3.81 -4.65
N LYS A 167 -14.37 2.76 -5.40
CA LYS A 167 -15.62 2.71 -6.15
C LYS A 167 -16.76 2.07 -5.36
N PHE A 168 -16.43 1.18 -4.44
CA PHE A 168 -17.45 0.43 -3.71
C PHE A 168 -17.45 0.76 -2.22
N LEU A 169 -18.34 1.67 -1.84
CA LEU A 169 -18.47 2.12 -0.45
C LEU A 169 -18.78 0.98 0.51
N GLY A 170 -19.62 0.05 0.08
CA GLY A 170 -20.07 -1.04 0.92
C GLY A 170 -19.04 -2.13 1.12
N LEU A 171 -17.83 -1.93 0.60
CA LEU A 171 -16.75 -2.90 0.75
C LEU A 171 -15.59 -2.31 1.55
N ARG A 172 -15.57 -0.99 1.68
CA ARG A 172 -14.48 -0.28 2.35
C ARG A 172 -14.24 -0.78 3.77
N ALA A 173 -15.31 -1.02 4.50
CA ALA A 173 -15.21 -1.51 5.87
C ALA A 173 -14.64 -2.93 5.90
N TYR A 174 -15.15 -3.79 5.02
CA TYR A 174 -14.66 -5.16 4.92
C TYR A 174 -13.21 -5.19 4.48
N ILE A 175 -12.86 -4.33 3.52
CA ILE A 175 -11.49 -4.24 3.03
C ILE A 175 -10.53 -3.78 4.13
N ARG A 176 -10.92 -2.74 4.86
CA ARG A 176 -10.10 -2.24 5.97
C ARG A 176 -9.84 -3.31 7.02
N LYS A 177 -10.88 -4.01 7.40
CA LYS A 177 -10.78 -5.08 8.40
C LYS A 177 -9.93 -6.25 7.88
N GLN A 178 -10.12 -6.61 6.62
CA GLN A 178 -9.37 -7.73 6.05
C GLN A 178 -7.89 -7.41 5.89
N ILE A 179 -7.57 -6.16 5.57
CA ILE A 179 -6.17 -5.73 5.53
C ILE A 179 -5.62 -5.71 6.95
N ASN A 180 -6.45 -5.25 7.88
CA ASN A 180 -6.10 -5.24 9.31
C ASN A 180 -5.72 -6.64 9.79
N ASN A 181 -6.50 -7.63 9.38
CA ASN A 181 -6.24 -9.02 9.73
C ASN A 181 -4.92 -9.53 9.18
N ILE A 182 -4.63 -9.19 7.92
CA ILE A 182 -3.38 -9.57 7.28
C ILE A 182 -2.20 -8.99 8.04
N PHE A 183 -2.38 -7.78 8.57
CA PHE A 183 -1.35 -7.10 9.34
C PHE A 183 -1.25 -7.63 10.77
N TYR A 184 -2.40 -7.99 11.35
CA TYR A 184 -2.40 -8.53 12.71
C TYR A 184 -1.74 -9.90 12.72
N ARG A 185 -1.78 -10.58 11.57
CA ARG A 185 -0.94 -11.75 11.34
C ARG A 185 0.49 -11.24 11.19
N PHE A 186 1.30 -11.86 10.33
CA PHE A 186 2.59 -11.30 9.93
C PHE A 186 3.46 -10.80 11.11
N ILE A 187 2.98 -9.76 11.77
CA ILE A 187 3.58 -9.24 13.00
C ILE A 187 3.62 -10.30 14.11
N TYR A 188 2.44 -10.76 14.52
CA TYR A 188 2.31 -11.64 15.68
C TYR A 188 2.31 -13.12 15.32
N GLU A 189 1.40 -13.51 14.41
CA GLU A 189 1.26 -14.91 14.04
C GLU A 189 2.43 -15.42 13.19
N THR A 190 3.38 -14.54 12.92
CA THR A 190 4.58 -14.86 12.13
C THR A 190 4.24 -15.37 10.73
N GLU A 191 3.03 -15.05 10.27
CA GLU A 191 2.59 -15.44 8.95
C GLU A 191 3.14 -14.47 7.90
N HIS A 192 4.33 -14.79 7.39
CA HIS A 192 5.02 -13.92 6.44
C HIS A 192 4.15 -13.58 5.23
N HIS A 193 4.32 -12.36 4.72
CA HIS A 193 3.50 -11.87 3.61
C HIS A 193 4.34 -11.04 2.64
N ASN A 194 4.13 -11.25 1.35
CA ASN A 194 4.94 -10.60 0.32
C ASN A 194 4.33 -9.27 -0.16
N GLY A 195 3.09 -9.01 0.22
CA GLY A 195 2.40 -7.82 -0.26
C GLY A 195 2.13 -6.77 0.79
N ILE A 196 2.91 -6.78 1.87
CA ILE A 196 2.77 -5.80 2.94
C ILE A 196 3.00 -4.39 2.42
N ALA A 197 3.99 -4.25 1.53
CA ALA A 197 4.33 -2.97 0.94
C ALA A 197 3.18 -2.38 0.13
N GLU A 198 2.64 -3.18 -0.78
CA GLU A 198 1.55 -2.75 -1.65
C GLU A 198 0.30 -2.38 -0.86
N LEU A 199 -0.01 -3.18 0.15
CA LEU A 199 -1.17 -2.93 1.00
C LEU A 199 -1.04 -1.63 1.77
N LEU A 200 0.16 -1.37 2.27
CA LEU A 200 0.45 -0.13 2.98
C LEU A 200 0.34 1.07 2.04
N GLU A 201 0.69 0.86 0.77
CA GLU A 201 0.60 1.92 -0.23
C GLU A 201 -0.87 2.27 -0.51
N ILE A 202 -1.72 1.26 -0.55
CA ILE A 202 -3.15 1.47 -0.69
C ILE A 202 -3.70 2.20 0.54
N LEU A 203 -3.25 1.76 1.71
CA LEU A 203 -3.68 2.36 2.96
C LEU A 203 -3.31 3.84 3.03
N GLY A 204 -2.11 4.16 2.56
CA GLY A 204 -1.65 5.54 2.49
C GLY A 204 -2.61 6.42 1.71
N SER A 205 -3.13 5.87 0.61
CA SER A 205 -4.12 6.57 -0.20
C SER A 205 -5.42 6.77 0.58
N ILE A 206 -5.77 5.79 1.41
CA ILE A 206 -6.97 5.84 2.23
C ILE A 206 -6.81 6.85 3.38
N ILE A 207 -5.67 6.83 4.04
CA ILE A 207 -5.40 7.71 5.18
C ILE A 207 -5.42 9.18 4.78
N ASN A 208 -4.89 9.49 3.60
CA ASN A 208 -4.81 10.86 3.12
C ASN A 208 -6.17 11.51 2.90
N GLY A 209 -7.22 10.70 2.81
CA GLY A 209 -8.56 11.21 2.58
C GLY A 209 -9.50 11.03 3.75
N PHE A 210 -8.96 10.84 4.94
CA PHE A 210 -9.75 10.65 6.15
C PHE A 210 -10.59 11.87 6.50
N ALA A 211 -11.74 11.66 7.13
CA ALA A 211 -12.59 12.75 7.58
C ALA A 211 -11.93 13.52 8.72
N LEU A 212 -12.36 14.76 8.94
CA LEU A 212 -11.66 15.68 9.84
C LEU A 212 -11.49 15.13 11.27
N PRO A 213 -12.59 14.78 11.98
CA PRO A 213 -12.23 14.14 13.24
C PRO A 213 -11.92 12.66 13.00
N LEU A 214 -10.65 12.29 13.11
CA LEU A 214 -10.24 10.91 12.87
C LEU A 214 -11.01 9.95 13.76
N LYS A 215 -11.73 9.03 13.12
CA LYS A 215 -12.48 7.99 13.83
C LYS A 215 -11.55 7.23 14.75
N GLU A 216 -12.07 6.83 15.91
CA GLU A 216 -11.27 6.09 16.89
C GLU A 216 -10.69 4.81 16.30
N GLU A 217 -11.46 4.18 15.41
CA GLU A 217 -11.03 2.97 14.72
C GLU A 217 -9.73 3.17 13.95
N HIS A 218 -9.55 4.37 13.40
CA HIS A 218 -8.34 4.71 12.66
C HIS A 218 -7.17 4.98 13.61
N LYS A 219 -7.48 5.62 14.73
CA LYS A 219 -6.49 5.87 15.78
C LYS A 219 -5.97 4.57 16.36
N ILE A 220 -6.90 3.68 16.69
CA ILE A 220 -6.57 2.35 17.19
C ILE A 220 -5.65 1.61 16.21
N PHE A 221 -6.01 1.67 14.94
CA PHE A 221 -5.24 1.01 13.89
C PHE A 221 -3.80 1.53 13.82
N LEU A 222 -3.64 2.84 13.84
CA LEU A 222 -2.31 3.46 13.79
C LEU A 222 -1.44 3.02 14.95
N LEU A 223 -2.00 3.05 16.15
CA LEU A 223 -1.22 2.78 17.36
C LEU A 223 -1.00 1.30 17.62
N LYS A 224 -1.93 0.46 17.17
CA LYS A 224 -1.87 -0.97 17.47
C LYS A 224 -1.39 -1.81 16.29
N VAL A 225 -1.32 -1.22 15.11
CA VAL A 225 -0.91 -1.97 13.93
C VAL A 225 0.27 -1.32 13.19
N LEU A 226 0.12 -0.06 12.80
CA LEU A 226 1.14 0.64 12.03
C LEU A 226 2.47 0.76 12.76
N LEU A 227 2.42 1.18 14.02
CA LEU A 227 3.63 1.35 14.82
C LEU A 227 4.35 0.03 15.12
N PRO A 228 3.62 -1.03 15.57
CA PRO A 228 4.32 -2.28 15.81
C PRO A 228 4.94 -2.90 14.54
N LEU A 229 4.53 -2.43 13.37
CA LEU A 229 5.09 -2.91 12.11
C LEU A 229 6.57 -2.56 11.98
N HIS A 230 7.03 -1.63 12.81
CA HIS A 230 8.42 -1.18 12.78
C HIS A 230 9.38 -2.18 13.45
N LYS A 231 8.82 -3.11 14.22
CA LYS A 231 9.65 -4.03 14.98
C LYS A 231 9.91 -5.34 14.23
N VAL A 232 9.17 -5.56 13.15
CA VAL A 232 9.34 -6.76 12.33
C VAL A 232 10.70 -6.72 11.63
N LYS A 233 11.32 -7.90 11.49
CA LYS A 233 12.66 -8.01 10.94
C LYS A 233 12.76 -7.57 9.48
N SER A 234 11.74 -7.90 8.69
CA SER A 234 11.74 -7.59 7.26
C SER A 234 11.24 -6.18 6.96
N LEU A 235 11.46 -5.28 7.91
CA LEU A 235 10.98 -3.90 7.81
C LEU A 235 11.51 -3.19 6.55
N SER A 236 12.73 -3.54 6.15
CA SER A 236 13.40 -2.91 5.01
C SER A 236 12.58 -2.96 3.73
N VAL A 237 11.81 -4.04 3.55
CA VAL A 237 11.07 -4.28 2.34
C VAL A 237 9.93 -3.28 2.13
N TYR A 238 9.29 -2.87 3.22
CA TYR A 238 8.10 -2.04 3.14
C TYR A 238 8.18 -0.74 3.94
N HIS A 239 9.37 -0.40 4.43
CA HIS A 239 9.53 0.77 5.29
C HIS A 239 9.15 2.12 4.67
N PRO A 240 9.50 2.36 3.39
CA PRO A 240 9.08 3.64 2.81
C PRO A 240 7.56 3.83 2.80
N GLN A 241 6.83 2.76 2.52
CA GLN A 241 5.37 2.82 2.51
C GLN A 241 4.81 2.98 3.91
N LEU A 242 5.45 2.33 4.88
CA LEU A 242 5.02 2.41 6.28
C LEU A 242 5.23 3.83 6.82
N ALA A 243 6.37 4.42 6.50
CA ALA A 243 6.68 5.77 6.95
C ALA A 243 5.67 6.78 6.43
N TYR A 244 5.28 6.62 5.16
CA TYR A 244 4.33 7.53 4.54
C TYR A 244 2.98 7.49 5.25
N CYS A 245 2.54 6.29 5.63
CA CYS A 245 1.28 6.12 6.35
C CYS A 245 1.32 6.83 7.69
N VAL A 246 2.44 6.68 8.40
CA VAL A 246 2.63 7.33 9.69
C VAL A 246 2.62 8.85 9.56
N VAL A 247 3.33 9.35 8.56
CA VAL A 247 3.39 10.78 8.29
C VAL A 247 2.02 11.34 7.93
N GLN A 248 1.30 10.63 7.06
CA GLN A 248 -0.04 11.03 6.65
C GLN A 248 -1.01 11.05 7.83
N PHE A 249 -0.82 10.14 8.77
CA PHE A 249 -1.64 10.08 9.97
C PHE A 249 -1.41 11.32 10.83
N LEU A 250 -0.22 11.87 10.77
CA LEU A 250 0.15 13.04 11.57
C LEU A 250 -0.29 14.34 10.90
N GLU A 251 -0.36 14.33 9.57
CA GLU A 251 -0.82 15.50 8.83
C GLU A 251 -2.32 15.69 9.01
N LYS A 252 -3.00 14.61 9.37
CA LYS A 252 -4.42 14.67 9.70
C LYS A 252 -4.62 15.17 11.11
N ASP A 253 -4.31 14.31 12.09
CA ASP A 253 -4.39 14.68 13.49
C ASP A 253 -3.01 14.73 14.12
N SER A 254 -2.51 15.95 14.35
CA SER A 254 -1.16 16.15 14.87
C SER A 254 -1.04 15.79 16.35
N THR A 255 -2.16 15.51 16.98
CA THR A 255 -2.17 15.16 18.40
C THR A 255 -1.65 13.74 18.63
N LEU A 256 -1.50 12.99 17.53
CA LEU A 256 -1.01 11.62 17.59
C LEU A 256 0.51 11.57 17.49
N THR A 257 1.13 12.74 17.53
CA THR A 257 2.58 12.86 17.35
C THR A 257 3.37 12.17 18.46
N GLU A 258 3.00 12.42 19.71
CA GLU A 258 3.74 11.88 20.85
C GLU A 258 3.79 10.35 20.91
N PRO A 259 2.63 9.67 20.85
CA PRO A 259 2.74 8.21 20.96
C PRO A 259 3.47 7.57 19.78
N VAL A 260 3.48 8.26 18.64
CA VAL A 260 4.18 7.76 17.46
C VAL A 260 5.70 7.87 17.63
N VAL A 261 6.16 9.07 17.95
CA VAL A 261 7.60 9.34 18.09
C VAL A 261 8.21 8.49 19.19
N MET A 262 7.51 8.39 20.32
CA MET A 262 8.00 7.59 21.45
C MET A 262 8.08 6.11 21.09
N ALA A 263 7.08 5.63 20.36
CA ALA A 263 7.09 4.24 19.90
C ALA A 263 8.21 4.02 18.90
N LEU A 264 8.43 5.00 18.04
CA LEU A 264 9.50 4.92 17.04
C LEU A 264 10.85 4.91 17.73
N LEU A 265 10.97 5.67 18.83
CA LEU A 265 12.18 5.68 19.63
C LEU A 265 12.30 4.38 20.42
N LYS A 266 11.17 3.75 20.70
CA LYS A 266 11.13 2.48 21.40
C LYS A 266 11.56 1.35 20.48
N TYR A 267 11.03 1.36 19.25
CA TYR A 267 11.34 0.36 18.26
C TYR A 267 12.68 0.64 17.58
N TRP A 268 13.33 1.71 18.02
CA TRP A 268 14.65 2.08 17.51
C TRP A 268 15.67 1.00 17.86
N PRO A 269 16.52 0.63 16.88
CA PRO A 269 17.57 -0.37 17.10
C PRO A 269 18.52 0.03 18.22
N LYS A 270 18.49 -0.70 19.33
CA LYS A 270 19.40 -0.45 20.44
C LYS A 270 20.81 -0.89 20.04
N THR A 271 20.87 -1.78 19.06
CA THR A 271 22.13 -2.15 18.43
C THR A 271 22.40 -1.21 17.27
N HIS A 272 23.57 -0.58 17.26
CA HIS A 272 23.94 0.30 16.16
C HIS A 272 24.01 -0.48 14.85
N SER A 273 23.07 -0.17 13.94
CA SER A 273 22.94 -0.90 12.70
C SER A 273 22.58 0.04 11.55
N PRO A 274 22.85 -0.38 10.30
CA PRO A 274 22.44 0.40 9.13
C PRO A 274 20.92 0.56 9.02
N LYS A 275 20.18 -0.24 9.79
CA LYS A 275 18.72 -0.12 9.84
C LYS A 275 18.29 1.22 10.43
N GLU A 276 19.21 1.87 11.15
CA GLU A 276 18.93 3.16 11.78
C GLU A 276 18.62 4.25 10.76
N VAL A 277 19.24 4.17 9.59
CA VAL A 277 19.06 5.16 8.54
C VAL A 277 17.58 5.30 8.15
N MET A 278 16.89 4.17 8.13
CA MET A 278 15.47 4.15 7.81
C MET A 278 14.67 4.93 8.86
N PHE A 279 14.94 4.65 10.13
CA PHE A 279 14.29 5.35 11.23
C PHE A 279 14.60 6.85 11.18
N LEU A 280 15.83 7.18 10.79
CA LEU A 280 16.23 8.58 10.65
C LEU A 280 15.51 9.23 9.46
N ASN A 281 15.32 8.47 8.40
CA ASN A 281 14.54 8.93 7.26
C ASN A 281 13.09 9.18 7.67
N GLU A 282 12.52 8.20 8.37
CA GLU A 282 11.14 8.29 8.84
C GLU A 282 10.98 9.45 9.83
N LEU A 283 11.97 9.62 10.70
CA LEU A 283 11.89 10.63 11.75
C LEU A 283 11.97 12.05 11.19
N GLU A 284 12.82 12.24 10.17
CA GLU A 284 12.94 13.55 9.54
C GLU A 284 11.70 13.89 8.75
N GLU A 285 11.11 12.87 8.13
CA GLU A 285 9.85 13.04 7.40
C GLU A 285 8.71 13.36 8.35
N ILE A 286 8.81 12.88 9.59
CA ILE A 286 7.85 13.23 10.63
C ILE A 286 8.02 14.68 11.05
N LEU A 287 9.27 15.09 11.25
CA LEU A 287 9.60 16.44 11.70
C LEU A 287 9.21 17.49 10.66
N ASP A 288 9.16 17.09 9.39
CA ASP A 288 8.80 18.01 8.31
C ASP A 288 7.34 18.43 8.40
N VAL A 289 6.52 17.61 9.06
CA VAL A 289 5.09 17.88 9.16
C VAL A 289 4.64 18.03 10.62
N ILE A 290 5.60 18.07 11.53
CA ILE A 290 5.30 18.15 12.95
C ILE A 290 4.93 19.58 13.35
N GLU A 291 4.01 19.70 14.30
CA GLU A 291 3.63 21.00 14.84
C GLU A 291 4.49 21.34 16.05
N PRO A 292 4.95 22.59 16.15
CA PRO A 292 5.84 23.09 17.20
C PRO A 292 5.41 22.68 18.61
N SER A 293 4.11 22.73 18.90
CA SER A 293 3.60 22.37 20.21
C SER A 293 3.78 20.88 20.49
N GLU A 294 3.79 20.08 19.43
CA GLU A 294 3.99 18.64 19.54
C GLU A 294 5.48 18.32 19.52
N PHE A 295 6.26 19.19 18.89
CA PHE A 295 7.70 19.03 18.84
C PHE A 295 8.31 19.11 20.23
N VAL A 296 7.82 20.07 21.02
CA VAL A 296 8.29 20.31 22.38
C VAL A 296 8.07 19.07 23.26
N LYS A 297 6.96 18.38 23.03
CA LYS A 297 6.60 17.22 23.82
C LYS A 297 7.61 16.08 23.74
N ILE A 298 8.34 16.00 22.62
CA ILE A 298 9.23 14.87 22.38
C ILE A 298 10.62 15.26 21.89
N MET A 299 10.94 16.56 21.92
CA MET A 299 12.22 17.03 21.41
C MET A 299 13.40 16.52 22.22
N GLU A 300 13.20 16.31 23.51
CA GLU A 300 14.27 15.85 24.39
C GLU A 300 14.64 14.37 24.18
N PRO A 301 13.65 13.46 24.20
CA PRO A 301 14.08 12.07 23.96
C PRO A 301 14.49 11.83 22.50
N LEU A 302 13.93 12.60 21.58
CA LEU A 302 14.29 12.49 20.17
C LEU A 302 15.76 12.84 19.95
N PHE A 303 16.13 14.03 20.38
CA PHE A 303 17.49 14.53 20.15
C PHE A 303 18.52 13.82 21.02
N ARG A 304 18.05 13.21 22.10
CA ARG A 304 18.91 12.36 22.92
C ARG A 304 19.31 11.14 22.09
N GLN A 305 18.36 10.64 21.30
CA GLN A 305 18.62 9.55 20.37
C GLN A 305 19.43 10.05 19.17
N LEU A 306 19.08 11.23 18.69
CA LEU A 306 19.78 11.82 17.54
C LEU A 306 21.24 12.07 17.87
N ALA A 307 21.50 12.47 19.11
CA ALA A 307 22.86 12.70 19.59
C ALA A 307 23.65 11.40 19.58
N LYS A 308 22.99 10.31 19.96
CA LYS A 308 23.61 8.99 19.92
C LYS A 308 23.95 8.58 18.48
N CYS A 309 23.08 8.99 17.56
CA CYS A 309 23.28 8.66 16.14
C CYS A 309 24.46 9.41 15.54
N VAL A 310 24.67 10.65 16.00
CA VAL A 310 25.81 11.44 15.55
C VAL A 310 27.11 10.83 16.09
N SER A 311 27.01 10.19 17.25
CA SER A 311 28.15 9.57 17.90
C SER A 311 28.39 8.13 17.43
N SER A 312 27.53 7.66 16.52
CA SER A 312 27.55 6.27 16.07
C SER A 312 28.88 5.86 15.45
N PRO A 313 29.29 4.61 15.68
CA PRO A 313 30.47 4.02 15.06
C PRO A 313 30.26 3.80 13.56
N HIS A 314 28.99 3.67 13.17
CA HIS A 314 28.64 3.52 11.76
C HIS A 314 28.52 4.89 11.10
N PHE A 315 29.41 5.14 10.13
CA PHE A 315 29.46 6.43 9.45
C PHE A 315 28.13 6.77 8.76
N GLN A 316 27.52 5.76 8.16
CA GLN A 316 26.24 5.92 7.46
C GLN A 316 25.17 6.51 8.38
N VAL A 317 25.14 6.02 9.62
CA VAL A 317 24.18 6.48 10.61
C VAL A 317 24.44 7.94 10.99
N ALA A 318 25.71 8.25 11.26
CA ALA A 318 26.09 9.61 11.63
C ALA A 318 25.88 10.59 10.48
N GLU A 319 26.26 10.16 9.28
CA GLU A 319 26.08 10.98 8.08
C GLU A 319 24.62 11.34 7.88
N ARG A 320 23.74 10.37 8.12
CA ARG A 320 22.31 10.57 7.96
C ARG A 320 21.75 11.50 9.03
N ALA A 321 22.23 11.33 10.26
CA ALA A 321 21.79 12.14 11.39
C ALA A 321 22.28 13.58 11.26
N LEU A 322 23.49 13.75 10.77
CA LEU A 322 24.07 15.08 10.58
C LEU A 322 23.33 15.87 9.51
N TYR A 323 22.67 15.16 8.60
CA TYR A 323 21.95 15.78 7.50
C TYR A 323 20.70 16.51 7.99
N TYR A 324 20.36 16.30 9.26
CA TYR A 324 19.22 16.95 9.89
C TYR A 324 19.36 18.47 9.92
N TRP A 325 20.58 18.94 10.15
CA TRP A 325 20.84 20.37 10.27
C TRP A 325 20.61 21.11 8.95
N ASN A 326 20.59 20.37 7.86
CA ASN A 326 20.29 20.95 6.55
C ASN A 326 18.81 21.34 6.44
N ASN A 327 17.97 20.67 7.20
CA ASN A 327 16.53 20.94 7.20
C ASN A 327 16.22 22.26 7.88
N GLU A 328 15.71 23.21 7.11
CA GLU A 328 15.45 24.56 7.60
C GLU A 328 14.33 24.62 8.63
N TYR A 329 13.32 23.77 8.45
CA TYR A 329 12.19 23.76 9.38
C TYR A 329 12.58 23.13 10.72
N ILE A 330 13.42 22.10 10.67
CA ILE A 330 13.95 21.51 11.89
C ILE A 330 14.80 22.53 12.63
N MET A 331 15.58 23.30 11.86
CA MET A 331 16.39 24.38 12.44
C MET A 331 15.53 25.40 13.16
N SER A 332 14.39 25.73 12.57
CA SER A 332 13.44 26.66 13.16
C SER A 332 12.96 26.15 14.52
N LEU A 333 12.67 24.86 14.58
CA LEU A 333 12.22 24.22 15.82
C LEU A 333 13.35 24.16 16.84
N ILE A 334 14.56 23.88 16.37
CA ILE A 334 15.72 23.81 17.25
C ILE A 334 16.07 25.20 17.79
N SER A 335 16.19 26.17 16.89
CA SER A 335 16.60 27.52 17.25
C SER A 335 15.65 28.16 18.27
N ASP A 336 14.38 27.79 18.19
CA ASP A 336 13.38 28.30 19.13
C ASP A 336 13.22 27.37 20.33
N ASN A 337 14.15 26.42 20.46
CA ASN A 337 14.19 25.50 21.59
C ASN A 337 15.62 25.15 21.96
N ALA A 338 16.56 25.97 21.51
CA ALA A 338 17.99 25.70 21.66
C ALA A 338 18.43 25.62 23.12
N ALA A 339 17.60 26.16 24.02
CA ALA A 339 17.93 26.17 25.45
C ALA A 339 17.96 24.76 26.03
N LYS A 340 17.23 23.84 25.42
CA LYS A 340 17.14 22.47 25.92
C LYS A 340 17.72 21.45 24.95
N ILE A 341 17.81 21.83 23.68
CA ILE A 341 18.28 20.91 22.64
C ILE A 341 19.80 20.93 22.48
N LEU A 342 20.37 22.12 22.40
CA LEU A 342 21.83 22.27 22.26
C LEU A 342 22.63 21.64 23.40
N PRO A 343 22.15 21.72 24.67
CA PRO A 343 22.89 20.99 25.70
C PRO A 343 22.91 19.47 25.48
N ILE A 344 21.93 18.95 24.74
CA ILE A 344 21.85 17.53 24.47
C ILE A 344 22.78 17.13 23.33
N MET A 345 22.79 17.92 22.26
CA MET A 345 23.62 17.64 21.11
C MET A 345 25.10 17.89 21.38
N PHE A 346 25.38 18.95 22.13
CA PHE A 346 26.76 19.30 22.46
C PHE A 346 26.90 19.59 23.96
N PRO A 347 26.94 18.54 24.78
CA PRO A 347 27.01 18.68 26.24
C PRO A 347 28.29 19.34 26.73
N SER A 348 29.35 19.28 25.92
CA SER A 348 30.63 19.87 26.28
C SER A 348 30.64 21.38 26.02
N LEU A 349 29.73 21.83 25.16
CA LEU A 349 29.69 23.23 24.75
C LEU A 349 28.53 23.99 25.39
N TYR A 350 27.52 23.26 25.84
CA TYR A 350 26.33 23.90 26.40
C TYR A 350 25.86 23.22 27.68
N ARG A 351 25.05 23.94 28.46
CA ARG A 351 24.52 23.40 29.71
C ARG A 351 23.09 23.88 29.97
N ASN A 352 22.47 23.35 31.00
CA ASN A 352 21.10 23.70 31.36
C ASN A 352 21.05 24.73 32.49
N LYS B 1 2.12 7.40 -7.68
CA LYS B 1 1.42 7.48 -6.41
C LYS B 1 -0.09 7.32 -6.59
N LEU B 2 -0.71 6.51 -5.75
CA LEU B 2 -2.15 6.30 -5.80
C LEU B 2 -2.89 7.56 -5.37
N PRO B 4 -5.74 9.93 -3.73
CA PRO B 4 -6.44 9.87 -2.44
C PRO B 4 -7.87 9.33 -2.55
N ILE B 5 -8.38 8.80 -1.44
CA ILE B 5 -9.74 8.28 -1.39
C ILE B 5 -10.51 8.93 -0.25
N ILE B 6 -11.40 9.85 -0.59
CA ILE B 6 -12.18 10.59 0.43
C ILE B 6 -13.10 9.67 1.22
N GLU B 7 -12.97 9.72 2.55
CA GLU B 7 -13.76 8.89 3.45
C GLU B 7 -15.23 9.35 3.44
N ASP B 8 -16.14 8.43 3.72
CA ASP B 8 -17.56 8.73 3.76
C ASP B 8 -18.10 8.69 5.19
#